data_9KFO
#
_entry.id   9KFO
#
_cell.length_a   124.350
_cell.length_b   124.350
_cell.length_c   39.559
_cell.angle_alpha   90.00
_cell.angle_beta   90.00
_cell.angle_gamma   120.00
#
_symmetry.space_group_name_H-M   'P 63'
#
loop_
_entity.id
_entity.type
_entity.pdbx_description
1 polymer 'WD repeat-containing protein 5'
2 polymer EMBOW
3 water water
#
loop_
_entity_poly.entity_id
_entity_poly.type
_entity_poly.pdbx_seq_one_letter_code
_entity_poly.pdbx_strand_id
1 'polypeptide(L)'
;GSHMTQSKPTPVKPNYALKFTLAGHTKAVSSVKFSPNGEWLASSSADKLIKIWGAYDGKFEKTISGHKLGISDVAWSSDS
NLLVSASDDKTLKIWDVSSGKCLKTLKGHSNYVFCCNFNPQSNLIVSGSFDESVRIWDVKTGKCLKTLPAHSDPVSAVHF
NRDGSLIVSSSYDGLCRIWDTASGQCLKTLIDDDNPPVSFVKFSPNGKYILAATLDNTLKLWDYSKGKCLKTYTGHKNEK
YCIFANFSVTGGKWIVSGSEDNLVYIWNLQTKEIVQKLQGHTDVVISTACHPTENIIASAALENDKTIKLWKSDC
;
B
2 'polypeptide(L)' GSMRTEPR D
#
# COMPACT_ATOMS: atom_id res chain seq x y z
N VAL A 12 6.65 -20.70 -17.24
CA VAL A 12 7.63 -19.69 -16.87
C VAL A 12 7.44 -19.28 -15.41
N LYS A 13 8.55 -19.26 -14.68
CA LYS A 13 8.61 -18.80 -13.31
C LYS A 13 9.65 -17.71 -13.19
N PRO A 14 9.47 -16.76 -12.29
CA PRO A 14 10.52 -15.77 -12.03
C PRO A 14 11.63 -16.40 -11.19
N ASN A 15 12.76 -15.71 -11.13
CA ASN A 15 13.87 -16.13 -10.29
C ASN A 15 14.41 -14.96 -9.47
N TYR A 16 13.52 -14.26 -8.78
CA TYR A 16 13.95 -13.20 -7.87
C TYR A 16 15.01 -13.69 -6.89
N ALA A 17 16.09 -12.92 -6.79
CA ALA A 17 17.17 -13.19 -5.85
C ALA A 17 17.47 -11.91 -5.07
N LEU A 18 17.88 -12.08 -3.83
CA LEU A 18 18.24 -10.94 -2.99
C LEU A 18 19.47 -10.22 -3.54
N LYS A 19 19.37 -8.90 -3.72
CA LYS A 19 20.47 -8.06 -4.16
C LYS A 19 21.00 -7.16 -3.07
N PHE A 20 20.11 -6.53 -2.29
CA PHE A 20 20.48 -5.58 -1.24
C PHE A 20 19.55 -5.74 -0.06
N THR A 21 20.10 -5.48 1.13
CA THR A 21 19.32 -5.24 2.34
C THR A 21 19.57 -3.80 2.77
N LEU A 22 18.50 -3.09 3.14
CA LEU A 22 18.57 -1.69 3.53
C LEU A 22 18.17 -1.57 5.00
N ALA A 23 19.03 -0.97 5.81
CA ALA A 23 18.81 -0.81 7.23
C ALA A 23 18.94 0.66 7.61
N GLY A 24 18.29 1.01 8.72
CA GLY A 24 18.31 2.37 9.18
C GLY A 24 17.09 2.77 9.98
N HIS A 25 15.94 2.14 9.74
CA HIS A 25 14.79 2.41 10.59
C HIS A 25 15.01 1.72 11.95
N THR A 26 14.59 2.38 13.03
CA THR A 26 14.81 1.83 14.36
C THR A 26 13.58 1.16 14.93
N LYS A 27 12.47 1.15 14.19
CA LYS A 27 11.30 0.39 14.53
C LYS A 27 10.81 -0.31 13.27
N ALA A 28 9.69 -1.02 13.41
CA ALA A 28 9.13 -1.77 12.30
C ALA A 28 8.89 -0.85 11.12
N VAL A 29 9.22 -1.35 9.94
CA VAL A 29 8.89 -0.68 8.70
C VAL A 29 7.42 -0.95 8.39
N SER A 30 6.70 0.08 7.96
CA SER A 30 5.28 -0.09 7.69
C SER A 30 4.94 -0.13 6.20
N SER A 31 5.75 0.49 5.32
CA SER A 31 5.34 0.63 3.92
C SER A 31 6.56 1.00 3.07
N VAL A 32 6.66 0.43 1.85
CA VAL A 32 7.68 0.82 0.88
C VAL A 32 7.02 1.04 -0.47
N LYS A 33 7.46 2.06 -1.20
CA LYS A 33 6.88 2.39 -2.50
C LYS A 33 7.99 2.92 -3.38
N PHE A 34 8.02 2.49 -4.63
CA PHE A 34 8.91 3.04 -5.65
C PHE A 34 8.29 4.31 -6.23
N SER A 35 9.15 5.30 -6.47
CA SER A 35 8.69 6.48 -7.18
C SER A 35 8.28 6.08 -8.59
N PRO A 36 7.27 6.76 -9.16
CA PRO A 36 6.85 6.42 -10.54
C PRO A 36 7.98 6.56 -11.56
N ASN A 37 8.95 7.44 -11.35
CA ASN A 37 10.05 7.56 -12.30
C ASN A 37 11.15 6.50 -12.11
N GLY A 38 10.95 5.55 -11.19
CA GLY A 38 11.85 4.40 -11.01
C GLY A 38 13.13 4.69 -10.27
N GLU A 39 13.33 5.94 -9.85
CA GLU A 39 14.62 6.36 -9.30
C GLU A 39 14.77 5.99 -7.82
N TRP A 40 13.67 6.04 -7.06
CA TRP A 40 13.73 6.09 -5.61
C TRP A 40 12.81 5.04 -5.01
N LEU A 41 13.13 4.66 -3.78
CA LEU A 41 12.24 3.91 -2.91
C LEU A 41 11.99 4.74 -1.67
N ALA A 42 10.73 4.90 -1.28
CA ALA A 42 10.38 5.55 -0.03
C ALA A 42 9.87 4.51 0.96
N SER A 43 10.27 4.66 2.22
CA SER A 43 9.82 3.78 3.29
C SER A 43 9.32 4.59 4.47
N SER A 44 8.23 4.15 5.08
CA SER A 44 7.75 4.74 6.30
C SER A 44 7.89 3.73 7.43
N SER A 45 7.86 4.23 8.67
CA SER A 45 8.15 3.36 9.80
C SER A 45 7.36 3.81 11.04
N ALA A 46 7.13 2.84 11.93
CA ALA A 46 6.74 3.12 13.30
C ALA A 46 7.73 4.04 14.03
N ASP A 47 8.94 4.24 13.51
CA ASP A 47 9.86 5.18 14.14
C ASP A 47 9.60 6.63 13.77
N LYS A 48 8.46 6.94 13.15
CA LYS A 48 8.05 8.31 12.82
C LYS A 48 8.79 8.92 11.64
N LEU A 49 9.62 8.15 10.93
CA LEU A 49 10.44 8.69 9.85
C LEU A 49 10.05 8.10 8.50
N ILE A 50 10.20 8.92 7.47
CA ILE A 50 10.26 8.47 6.09
C ILE A 50 11.73 8.44 5.67
N LYS A 51 12.15 7.39 4.98
CA LYS A 51 13.49 7.38 4.42
C LYS A 51 13.41 7.16 2.90
N ILE A 52 14.36 7.76 2.19
CA ILE A 52 14.46 7.69 0.73
C ILE A 52 15.76 6.98 0.41
N TRP A 53 15.68 6.00 -0.52
CA TRP A 53 16.74 5.10 -0.93
C TRP A 53 16.82 5.09 -2.46
N GLY A 54 18.02 4.90 -3.00
CA GLY A 54 18.13 4.68 -4.44
C GLY A 54 17.50 3.36 -4.83
N ALA A 55 16.67 3.37 -5.88
CA ALA A 55 15.94 2.18 -6.29
C ALA A 55 16.85 1.08 -6.84
N TYR A 56 17.97 1.44 -7.44
CA TYR A 56 18.78 0.46 -8.16
C TYR A 56 19.98 -0.05 -7.37
N ASP A 57 20.44 0.71 -6.38
CA ASP A 57 21.61 0.35 -5.59
C ASP A 57 21.27 0.27 -4.09
N GLY A 58 20.06 0.65 -3.69
CA GLY A 58 19.73 0.72 -2.27
C GLY A 58 20.44 1.80 -1.47
N LYS A 59 21.15 2.73 -2.10
CA LYS A 59 21.90 3.72 -1.35
C LYS A 59 20.97 4.63 -0.55
N PHE A 60 21.24 4.77 0.75
CA PHE A 60 20.46 5.69 1.57
C PHE A 60 20.62 7.11 1.05
N GLU A 61 19.50 7.79 0.87
CA GLU A 61 19.51 9.15 0.34
C GLU A 61 19.17 10.18 1.40
N LYS A 62 18.04 10.02 2.09
CA LYS A 62 17.73 11.04 3.11
C LYS A 62 16.63 10.55 4.03
N THR A 63 16.54 11.21 5.18
CA THR A 63 15.46 11.03 6.15
C THR A 63 14.56 12.25 6.13
N ILE A 64 13.26 12.03 6.26
CA ILE A 64 12.23 13.06 6.29
C ILE A 64 11.42 12.87 7.57
N SER A 65 11.36 13.91 8.40
CA SER A 65 10.72 13.79 9.70
C SER A 65 9.78 14.96 9.98
N GLY A 66 8.95 14.80 11.01
CA GLY A 66 7.94 15.77 11.38
C GLY A 66 6.68 15.17 11.99
N HIS A 67 6.36 13.92 11.67
CA HIS A 67 5.22 13.31 12.34
C HIS A 67 5.55 13.09 13.82
N LYS A 68 4.54 13.29 14.66
CA LYS A 68 4.69 13.12 16.11
C LYS A 68 4.52 11.67 16.55
N LEU A 69 3.98 10.80 15.70
CA LEU A 69 3.76 9.41 16.02
C LEU A 69 4.06 8.57 14.79
N GLY A 70 4.01 7.25 14.93
CA GLY A 70 4.41 6.37 13.84
C GLY A 70 3.58 6.57 12.59
N ILE A 71 4.15 6.16 11.46
CA ILE A 71 3.54 6.31 10.14
C ILE A 71 3.14 4.92 9.62
N SER A 72 1.91 4.80 9.12
CA SER A 72 1.40 3.53 8.59
C SER A 72 1.42 3.43 7.07
N ASP A 73 1.59 4.53 6.34
CA ASP A 73 1.59 4.47 4.89
C ASP A 73 2.31 5.69 4.33
N VAL A 74 2.85 5.53 3.13
CA VAL A 74 3.43 6.65 2.38
C VAL A 74 3.15 6.40 0.90
N ALA A 75 3.02 7.47 0.12
CA ALA A 75 2.73 7.33 -1.30
C ALA A 75 3.32 8.49 -2.11
N TRP A 76 3.66 8.22 -3.38
CA TRP A 76 4.29 9.20 -4.27
C TRP A 76 3.28 9.90 -5.15
N SER A 77 3.54 11.19 -5.43
CA SER A 77 2.82 11.85 -6.52
C SER A 77 3.31 11.32 -7.87
N SER A 78 2.52 11.60 -8.92
CA SER A 78 2.80 11.08 -10.26
CA SER A 78 2.85 11.02 -10.22
C SER A 78 4.12 11.60 -10.83
N ASP A 79 4.50 12.82 -10.48
CA ASP A 79 5.76 13.37 -10.99
C ASP A 79 6.94 13.04 -10.10
N SER A 80 6.76 12.19 -9.09
CA SER A 80 7.82 11.78 -8.16
C SER A 80 8.35 12.90 -7.29
N ASN A 81 7.69 14.07 -7.25
CA ASN A 81 8.24 15.18 -6.49
C ASN A 81 7.66 15.30 -5.09
N LEU A 82 6.50 14.72 -4.84
CA LEU A 82 5.83 14.85 -3.57
C LEU A 82 5.60 13.49 -2.96
N LEU A 83 5.53 13.48 -1.64
CA LEU A 83 5.08 12.32 -0.88
C LEU A 83 3.92 12.74 0.01
N VAL A 84 3.02 11.81 0.29
CA VAL A 84 2.06 11.97 1.37
C VAL A 84 2.25 10.79 2.32
N SER A 85 2.15 11.07 3.63
CA SER A 85 2.28 10.06 4.67
C SER A 85 1.05 10.08 5.56
N ALA A 86 0.63 8.89 6.03
CA ALA A 86 -0.49 8.72 6.95
C ALA A 86 0.03 8.30 8.33
N SER A 87 -0.37 9.01 9.37
CA SER A 87 0.25 8.85 10.67
C SER A 87 -0.76 8.58 11.78
N ASP A 88 -0.30 7.86 12.82
CA ASP A 88 -1.06 7.69 14.05
C ASP A 88 -1.32 9.01 14.76
N ASP A 89 -0.57 10.08 14.44
CA ASP A 89 -0.87 11.39 15.02
C ASP A 89 -2.18 12.01 14.45
N LYS A 90 -2.94 11.26 13.65
CA LYS A 90 -4.28 11.63 13.12
C LYS A 90 -4.17 12.63 11.97
N THR A 91 -2.99 12.88 11.43
CA THR A 91 -2.83 13.77 10.29
C THR A 91 -2.25 13.02 9.11
N LEU A 92 -2.37 13.64 7.93
CA LEU A 92 -1.49 13.31 6.81
C LEU A 92 -0.53 14.47 6.59
N LYS A 93 0.64 14.19 6.06
CA LYS A 93 1.54 15.28 5.69
C LYS A 93 1.99 15.14 4.24
N ILE A 94 2.03 16.27 3.54
CA ILE A 94 2.57 16.37 2.18
C ILE A 94 3.97 16.96 2.28
N TRP A 95 4.92 16.25 1.66
CA TRP A 95 6.33 16.51 1.71
C TRP A 95 6.86 16.81 0.30
N ASP A 96 7.65 17.87 0.20
CA ASP A 96 8.51 18.08 -0.97
C ASP A 96 9.72 17.18 -0.84
N VAL A 97 9.83 16.21 -1.74
CA VAL A 97 10.86 15.19 -1.59
C VAL A 97 12.26 15.81 -1.63
N SER A 98 12.51 16.74 -2.57
CA SER A 98 13.88 17.19 -2.76
C SER A 98 14.37 18.02 -1.57
N SER A 99 13.50 18.85 -0.99
CA SER A 99 13.90 19.61 0.21
C SER A 99 13.61 18.87 1.51
N GLY A 100 12.80 17.82 1.50
CA GLY A 100 12.39 17.18 2.74
C GLY A 100 11.43 17.99 3.61
N LYS A 101 10.95 19.12 3.12
CA LYS A 101 10.10 20.00 3.92
C LYS A 101 8.66 19.55 3.86
N CYS A 102 7.96 19.72 4.99
CA CYS A 102 6.52 19.48 5.06
C CYS A 102 5.80 20.66 4.43
N LEU A 103 5.11 20.44 3.31
CA LEU A 103 4.36 21.52 2.68
C LEU A 103 3.00 21.69 3.33
N LYS A 104 2.36 20.59 3.71
CA LYS A 104 0.99 20.73 4.21
C LYS A 104 0.70 19.64 5.23
N THR A 105 -0.09 20.00 6.27
CA THR A 105 -0.60 19.04 7.24
C THR A 105 -2.12 18.93 7.07
N LEU A 106 -2.60 17.72 6.79
CA LEU A 106 -4.01 17.48 6.51
C LEU A 106 -4.67 16.98 7.80
N LYS A 107 -5.54 17.83 8.35
CA LYS A 107 -6.22 17.59 9.61
C LYS A 107 -7.71 17.42 9.35
N GLY A 108 -8.33 16.55 10.14
CA GLY A 108 -9.76 16.29 10.05
C GLY A 108 -10.18 14.88 10.42
N HIS A 109 -9.32 13.88 10.22
CA HIS A 109 -9.65 12.57 10.78
C HIS A 109 -9.64 12.64 12.30
N SER A 110 -10.49 11.86 12.94
CA SER A 110 -10.61 11.89 14.38
C SER A 110 -9.96 10.68 15.03
N ASN A 111 -9.22 9.91 14.25
CA ASN A 111 -8.48 8.74 14.74
C ASN A 111 -7.29 8.52 13.82
N TYR A 112 -6.51 7.49 14.10
CA TYR A 112 -5.30 7.14 13.35
C TYR A 112 -5.57 7.15 11.85
N VAL A 113 -4.67 7.72 11.06
CA VAL A 113 -4.76 7.61 9.62
C VAL A 113 -3.88 6.43 9.22
N PHE A 114 -4.43 5.54 8.39
CA PHE A 114 -3.85 4.22 8.11
C PHE A 114 -3.29 4.08 6.71
N CYS A 115 -3.92 4.75 5.73
CA CYS A 115 -3.62 4.51 4.33
C CYS A 115 -3.89 5.77 3.56
N CYS A 116 -3.20 5.90 2.42
CA CYS A 116 -3.22 7.12 1.62
C CYS A 116 -2.71 6.86 0.21
N ASN A 117 -3.13 7.72 -0.71
CA ASN A 117 -2.74 7.59 -2.12
C ASN A 117 -3.07 8.90 -2.84
N PHE A 118 -2.21 9.28 -3.79
CA PHE A 118 -2.53 10.35 -4.74
C PHE A 118 -3.39 9.76 -5.86
N ASN A 119 -4.20 10.62 -6.51
CA ASN A 119 -4.82 10.23 -7.77
C ASN A 119 -3.78 10.39 -8.88
N PRO A 120 -4.03 9.85 -10.08
CA PRO A 120 -3.04 9.98 -11.16
C PRO A 120 -2.68 11.43 -11.50
N GLN A 121 -3.66 12.34 -11.55
CA GLN A 121 -3.33 13.75 -11.76
C GLN A 121 -2.55 14.33 -10.59
N SER A 122 -2.66 13.71 -9.40
CA SER A 122 -1.95 14.16 -8.21
C SER A 122 -2.40 15.56 -7.77
N ASN A 123 -3.64 15.93 -8.10
CA ASN A 123 -4.24 17.10 -7.47
C ASN A 123 -5.08 16.74 -6.24
N LEU A 124 -5.40 15.45 -6.02
CA LEU A 124 -6.19 14.95 -4.90
C LEU A 124 -5.41 13.88 -4.14
N ILE A 125 -5.63 13.79 -2.82
CA ILE A 125 -5.18 12.68 -2.00
C ILE A 125 -6.39 11.99 -1.40
N VAL A 126 -6.40 10.66 -1.39
CA VAL A 126 -7.41 9.91 -0.65
C VAL A 126 -6.76 9.29 0.58
N SER A 127 -7.49 9.29 1.70
CA SER A 127 -7.00 8.68 2.94
C SER A 127 -8.07 7.81 3.61
N GLY A 128 -7.59 6.82 4.35
CA GLY A 128 -8.46 5.97 5.17
C GLY A 128 -8.01 5.96 6.61
N SER A 129 -8.99 5.90 7.52
CA SER A 129 -8.72 6.12 8.93
C SER A 129 -9.41 5.07 9.82
N PHE A 130 -8.86 4.91 11.02
CA PHE A 130 -9.53 4.12 12.06
C PHE A 130 -10.87 4.74 12.46
N ASP A 131 -11.09 6.02 12.16
CA ASP A 131 -12.39 6.67 12.37
C ASP A 131 -13.46 6.20 11.38
N GLU A 132 -13.14 5.24 10.52
CA GLU A 132 -14.09 4.50 9.67
C GLU A 132 -14.51 5.32 8.46
N SER A 133 -13.90 6.48 8.23
CA SER A 133 -14.24 7.34 7.11
C SER A 133 -13.11 7.37 6.08
N VAL A 134 -13.49 7.74 4.87
CA VAL A 134 -12.55 8.01 3.79
C VAL A 134 -12.55 9.50 3.52
N ARG A 135 -11.38 10.12 3.38
CA ARG A 135 -11.36 11.56 3.06
C ARG A 135 -10.62 11.84 1.77
N ILE A 136 -11.13 12.83 1.03
CA ILE A 136 -10.52 13.32 -0.19
C ILE A 136 -10.06 14.76 0.06
N TRP A 137 -8.77 15.01 -0.20
CA TRP A 137 -8.07 16.24 0.13
C TRP A 137 -7.54 16.92 -1.14
N ASP A 138 -7.57 18.25 -1.11
CA ASP A 138 -6.96 19.05 -2.16
C ASP A 138 -5.46 19.20 -1.88
N VAL A 139 -4.62 18.76 -2.83
CA VAL A 139 -3.16 18.81 -2.65
C VAL A 139 -2.66 20.24 -2.50
N LYS A 140 -3.15 21.17 -3.33
CA LYS A 140 -2.58 22.52 -3.34
C LYS A 140 -2.89 23.27 -2.06
N THR A 141 -4.13 23.17 -1.55
CA THR A 141 -4.50 23.89 -0.35
C THR A 141 -4.38 23.06 0.92
N GLY A 142 -4.33 21.73 0.79
CA GLY A 142 -4.40 20.93 2.00
C GLY A 142 -5.77 20.86 2.67
N LYS A 143 -6.82 21.39 2.07
CA LYS A 143 -8.13 21.35 2.71
C LYS A 143 -8.81 20.02 2.38
N CYS A 144 -9.67 19.58 3.27
CA CYS A 144 -10.49 18.40 3.01
C CYS A 144 -11.61 18.77 2.03
N LEU A 145 -11.70 18.04 0.92
CA LEU A 145 -12.75 18.29 -0.05
C LEU A 145 -14.01 17.49 0.23
N LYS A 146 -13.87 16.20 0.53
CA LYS A 146 -15.04 15.39 0.86
C LYS A 146 -14.69 14.42 1.96
N THR A 147 -15.71 14.09 2.76
CA THR A 147 -15.64 12.99 3.70
C THR A 147 -16.72 12.00 3.31
N LEU A 148 -16.34 10.74 3.16
CA LEU A 148 -17.23 9.66 2.86
C LEU A 148 -17.43 8.83 4.12
N PRO A 149 -18.68 8.62 4.55
CA PRO A 149 -18.95 7.70 5.68
C PRO A 149 -18.83 6.27 5.18
N ALA A 150 -17.61 5.88 4.85
CA ALA A 150 -17.43 4.75 3.96
C ALA A 150 -17.70 3.40 4.62
N HIS A 151 -17.44 3.27 5.91
CA HIS A 151 -17.40 1.95 6.53
C HIS A 151 -17.84 2.04 7.98
N SER A 152 -18.04 0.87 8.59
CA SER A 152 -18.40 0.77 10.00
C SER A 152 -17.29 0.09 10.82
N ASP A 153 -16.07 0.17 10.32
CA ASP A 153 -14.88 -0.36 10.97
C ASP A 153 -13.68 0.38 10.38
N PRO A 154 -12.50 0.21 10.94
CA PRO A 154 -11.32 0.90 10.39
C PRO A 154 -11.15 0.64 8.91
N VAL A 155 -10.70 1.65 8.19
CA VAL A 155 -10.53 1.56 6.74
C VAL A 155 -9.09 1.14 6.50
N SER A 156 -8.92 -0.01 5.84
CA SER A 156 -7.61 -0.62 5.71
C SER A 156 -6.85 -0.18 4.45
N ALA A 157 -7.54 0.30 3.43
CA ALA A 157 -6.86 0.65 2.18
C ALA A 157 -7.78 1.52 1.34
N VAL A 158 -7.18 2.41 0.57
CA VAL A 158 -7.87 3.31 -0.35
C VAL A 158 -6.99 3.44 -1.60
N HIS A 159 -7.60 3.43 -2.77
CA HIS A 159 -6.81 3.46 -3.99
C HIS A 159 -7.66 4.04 -5.12
N PHE A 160 -7.06 4.96 -5.89
CA PHE A 160 -7.69 5.51 -7.08
C PHE A 160 -7.49 4.56 -8.25
N ASN A 161 -8.42 4.59 -9.20
CA ASN A 161 -8.24 3.82 -10.43
C ASN A 161 -7.41 4.65 -11.41
N ARG A 162 -7.22 4.12 -12.63
CA ARG A 162 -6.17 4.66 -13.51
C ARG A 162 -6.43 6.10 -13.94
N ASP A 163 -7.69 6.55 -14.00
CA ASP A 163 -7.93 7.93 -14.36
C ASP A 163 -8.53 8.75 -13.21
N GLY A 164 -8.52 8.21 -12.00
CA GLY A 164 -8.92 8.95 -10.83
C GLY A 164 -10.41 9.09 -10.66
N SER A 165 -11.21 8.49 -11.53
CA SER A 165 -12.65 8.72 -11.46
C SER A 165 -13.29 7.90 -10.35
N LEU A 166 -12.63 6.84 -9.89
CA LEU A 166 -13.16 5.93 -8.88
C LEU A 166 -12.15 5.76 -7.75
N ILE A 167 -12.66 5.52 -6.55
CA ILE A 167 -11.87 5.12 -5.38
C ILE A 167 -12.37 3.77 -4.91
N VAL A 168 -11.46 2.86 -4.58
CA VAL A 168 -11.85 1.63 -3.90
C VAL A 168 -11.34 1.70 -2.46
N SER A 169 -12.21 1.35 -1.51
CA SER A 169 -11.85 1.33 -0.10
C SER A 169 -12.17 -0.04 0.48
N SER A 170 -11.38 -0.46 1.46
CA SER A 170 -11.65 -1.72 2.15
C SER A 170 -11.68 -1.46 3.65
N SER A 171 -12.30 -2.40 4.38
CA SER A 171 -12.47 -2.22 5.80
C SER A 171 -12.50 -3.58 6.51
N TYR A 172 -12.19 -3.53 7.83
CA TYR A 172 -12.40 -4.68 8.71
C TYR A 172 -13.85 -5.11 8.80
N ASP A 173 -14.78 -4.28 8.32
CA ASP A 173 -16.19 -4.64 8.31
C ASP A 173 -16.51 -5.64 7.22
N GLY A 174 -15.51 -6.04 6.43
CA GLY A 174 -15.69 -7.06 5.42
C GLY A 174 -16.10 -6.55 4.05
N LEU A 175 -16.20 -5.23 3.85
CA LEU A 175 -16.66 -4.68 2.58
C LEU A 175 -15.51 -4.13 1.77
N CYS A 176 -15.61 -4.25 0.44
CA CYS A 176 -14.92 -3.32 -0.44
C CYS A 176 -15.95 -2.44 -1.10
N ARG A 177 -15.69 -1.14 -1.16
CA ARG A 177 -16.65 -0.23 -1.76
C ARG A 177 -15.98 0.60 -2.84
N ILE A 178 -16.65 0.74 -3.98
CA ILE A 178 -16.18 1.57 -5.09
C ILE A 178 -17.05 2.82 -5.12
N TRP A 179 -16.38 3.98 -5.05
CA TRP A 179 -16.93 5.32 -4.95
C TRP A 179 -16.65 6.10 -6.22
N ASP A 180 -17.64 6.89 -6.65
CA ASP A 180 -17.40 7.95 -7.64
C ASP A 180 -16.64 9.08 -6.96
N THR A 181 -15.40 9.33 -7.37
CA THR A 181 -14.58 10.36 -6.75
C THR A 181 -15.32 11.71 -6.70
N ALA A 182 -15.85 12.16 -7.84
CA ALA A 182 -16.40 13.51 -7.92
C ALA A 182 -17.71 13.65 -7.15
N SER A 183 -18.59 12.65 -7.19
CA SER A 183 -19.88 12.80 -6.53
C SER A 183 -19.95 12.20 -5.14
N GLY A 184 -18.93 11.43 -4.73
CA GLY A 184 -18.95 10.87 -3.40
C GLY A 184 -19.92 9.72 -3.23
N GLN A 185 -20.49 9.21 -4.31
CA GLN A 185 -21.54 8.23 -4.19
C GLN A 185 -20.97 6.83 -4.38
N CYS A 186 -21.41 5.92 -3.52
CA CYS A 186 -20.99 4.53 -3.60
C CYS A 186 -21.62 3.88 -4.82
N LEU A 187 -20.78 3.45 -5.77
CA LEU A 187 -21.27 2.80 -6.98
C LEU A 187 -21.43 1.31 -6.79
N LYS A 188 -20.58 0.68 -5.99
CA LYS A 188 -20.71 -0.77 -5.85
C LYS A 188 -20.10 -1.23 -4.54
N THR A 189 -20.72 -2.23 -3.92
CA THR A 189 -20.18 -2.84 -2.71
C THR A 189 -19.94 -4.31 -3.00
N LEU A 190 -18.71 -4.76 -2.80
CA LEU A 190 -18.36 -6.17 -2.90
C LEU A 190 -18.47 -6.83 -1.53
N ILE A 191 -19.36 -7.84 -1.48
CA ILE A 191 -19.67 -8.63 -0.29
C ILE A 191 -19.45 -10.09 -0.64
N ASP A 192 -18.93 -10.86 0.31
CA ASP A 192 -18.54 -12.22 -0.02
C ASP A 192 -18.73 -13.10 1.21
N ASP A 193 -19.88 -13.79 1.25
CA ASP A 193 -20.10 -14.94 2.13
C ASP A 193 -20.09 -14.58 3.61
N ASP A 194 -19.00 -14.94 4.28
CA ASP A 194 -18.87 -14.84 5.72
C ASP A 194 -18.10 -13.60 6.15
N ASN A 195 -17.98 -12.62 5.28
CA ASN A 195 -17.60 -11.26 5.66
C ASN A 195 -16.25 -11.19 6.41
N PRO A 196 -15.21 -11.89 5.95
CA PRO A 196 -13.93 -11.78 6.65
C PRO A 196 -13.37 -10.38 6.51
N PRO A 197 -12.69 -9.87 7.53
CA PRO A 197 -12.15 -8.49 7.42
C PRO A 197 -11.29 -8.34 6.17
N VAL A 198 -11.44 -7.23 5.47
CA VAL A 198 -10.62 -6.94 4.30
C VAL A 198 -9.47 -6.03 4.72
N SER A 199 -8.26 -6.46 4.45
CA SER A 199 -7.07 -5.82 4.97
C SER A 199 -6.30 -5.05 3.92
N PHE A 200 -6.66 -5.20 2.64
CA PHE A 200 -5.97 -4.47 1.59
C PHE A 200 -6.79 -4.57 0.31
N VAL A 201 -6.66 -3.55 -0.53
CA VAL A 201 -7.39 -3.51 -1.78
C VAL A 201 -6.70 -2.53 -2.72
N LYS A 202 -6.78 -2.81 -4.02
CA LYS A 202 -6.23 -1.93 -5.04
C LYS A 202 -6.73 -2.35 -6.41
N PHE A 203 -6.86 -1.36 -7.29
CA PHE A 203 -7.20 -1.60 -8.68
C PHE A 203 -6.02 -2.22 -9.42
N SER A 204 -6.34 -3.05 -10.42
CA SER A 204 -5.35 -3.51 -11.38
C SER A 204 -4.93 -2.32 -12.25
N PRO A 205 -3.75 -2.39 -12.88
CA PRO A 205 -3.30 -1.27 -13.71
C PRO A 205 -4.28 -0.88 -14.81
N ASN A 206 -5.07 -1.82 -15.33
CA ASN A 206 -6.05 -1.48 -16.36
C ASN A 206 -7.37 -0.98 -15.78
N GLY A 207 -7.49 -0.93 -14.46
CA GLY A 207 -8.70 -0.46 -13.81
C GLY A 207 -9.88 -1.42 -13.85
N LYS A 208 -9.75 -2.58 -14.50
CA LYS A 208 -10.90 -3.46 -14.63
C LYS A 208 -11.07 -4.41 -13.45
N TYR A 209 -9.98 -4.74 -12.75
CA TYR A 209 -10.02 -5.69 -11.65
C TYR A 209 -9.60 -5.02 -10.35
N ILE A 210 -9.98 -5.67 -9.26
CA ILE A 210 -9.65 -5.26 -7.91
C ILE A 210 -9.05 -6.44 -7.18
N LEU A 211 -7.85 -6.26 -6.64
CA LEU A 211 -7.20 -7.28 -5.82
C LEU A 211 -7.48 -6.95 -4.36
N ALA A 212 -8.03 -7.91 -3.63
CA ALA A 212 -8.45 -7.70 -2.25
C ALA A 212 -7.89 -8.80 -1.37
N ALA A 213 -7.26 -8.41 -0.28
CA ALA A 213 -6.74 -9.36 0.71
C ALA A 213 -7.69 -9.38 1.89
N THR A 214 -7.98 -10.57 2.41
CA THR A 214 -8.81 -10.71 3.59
C THR A 214 -8.04 -11.44 4.69
N LEU A 215 -8.43 -11.21 5.94
CA LEU A 215 -7.71 -11.82 7.05
C LEU A 215 -8.17 -13.26 7.33
N ASP A 216 -8.41 -14.02 6.26
CA ASP A 216 -8.50 -15.48 6.28
C ASP A 216 -7.48 -16.07 5.29
N ASN A 217 -6.24 -15.54 5.31
CA ASN A 217 -5.11 -16.08 4.53
C ASN A 217 -5.42 -16.15 3.03
N THR A 218 -6.19 -15.19 2.52
CA THR A 218 -6.70 -15.27 1.15
C THR A 218 -6.53 -13.94 0.43
N LEU A 219 -6.14 -14.01 -0.85
CA LEU A 219 -6.20 -12.90 -1.79
C LEU A 219 -7.18 -13.24 -2.91
N LYS A 220 -7.95 -12.27 -3.38
CA LYS A 220 -8.92 -12.49 -4.44
C LYS A 220 -8.82 -11.41 -5.50
N LEU A 221 -9.00 -11.81 -6.76
CA LEU A 221 -9.09 -10.93 -7.90
C LEU A 221 -10.55 -10.87 -8.36
N TRP A 222 -11.17 -9.69 -8.22
CA TRP A 222 -12.55 -9.43 -8.58
C TRP A 222 -12.65 -8.66 -9.89
N ASP A 223 -13.64 -9.04 -10.70
CA ASP A 223 -14.03 -8.23 -11.84
C ASP A 223 -14.96 -7.15 -11.30
N TYR A 224 -14.51 -5.89 -11.41
CA TYR A 224 -15.28 -4.77 -10.86
C TYR A 224 -16.64 -4.66 -11.55
N SER A 225 -16.66 -4.70 -12.89
CA SER A 225 -17.89 -4.51 -13.63
C SER A 225 -18.96 -5.54 -13.25
N LYS A 226 -18.57 -6.80 -13.15
CA LYS A 226 -19.51 -7.88 -12.90
C LYS A 226 -19.76 -8.15 -11.41
N GLY A 227 -18.92 -7.63 -10.52
CA GLY A 227 -19.08 -7.95 -9.11
C GLY A 227 -18.71 -9.36 -8.74
N LYS A 228 -17.87 -10.02 -9.56
CA LYS A 228 -17.58 -11.44 -9.44
C LYS A 228 -16.12 -11.66 -9.05
N CYS A 229 -15.88 -12.59 -8.13
CA CYS A 229 -14.54 -13.07 -7.87
C CYS A 229 -14.10 -13.98 -9.03
N LEU A 230 -12.99 -13.63 -9.67
CA LEU A 230 -12.43 -14.42 -10.78
C LEU A 230 -11.29 -15.32 -10.36
N LYS A 231 -10.47 -14.90 -9.39
CA LYS A 231 -9.33 -15.71 -9.00
C LYS A 231 -9.16 -15.65 -7.49
N THR A 232 -8.63 -16.73 -6.92
CA THR A 232 -8.21 -16.78 -5.52
C THR A 232 -6.79 -17.28 -5.43
N TYR A 233 -6.02 -16.68 -4.52
CA TYR A 233 -4.61 -17.00 -4.29
C TYR A 233 -4.47 -17.30 -2.81
N THR A 234 -3.88 -18.46 -2.50
CA THR A 234 -3.73 -18.94 -1.14
C THR A 234 -2.35 -19.54 -0.99
N GLY A 235 -2.04 -19.97 0.23
CA GLY A 235 -0.77 -20.59 0.57
C GLY A 235 0.05 -19.75 1.52
N HIS A 236 -0.26 -18.47 1.63
CA HIS A 236 0.45 -17.58 2.53
C HIS A 236 -0.28 -17.49 3.86
N LYS A 237 0.36 -16.83 4.83
CA LYS A 237 -0.26 -16.60 6.14
C LYS A 237 -0.58 -15.11 6.26
N ASN A 238 -1.87 -14.81 6.47
CA ASN A 238 -2.30 -13.43 6.66
C ASN A 238 -3.58 -13.44 7.49
N GLU A 239 -3.44 -13.26 8.80
CA GLU A 239 -4.57 -13.23 9.74
C GLU A 239 -4.62 -11.99 10.61
N LYS A 240 -3.55 -11.22 10.72
CA LYS A 240 -3.42 -10.21 11.77
C LYS A 240 -3.03 -8.85 11.21
N TYR A 241 -2.36 -8.80 10.05
CA TYR A 241 -1.82 -7.53 9.57
C TYR A 241 -2.41 -7.15 8.20
N CYS A 242 -2.38 -5.84 7.93
CA CYS A 242 -2.82 -5.30 6.64
C CYS A 242 -1.60 -5.27 5.70
N ILE A 243 -1.42 -6.36 4.96
CA ILE A 243 -0.21 -6.58 4.16
C ILE A 243 -0.48 -6.07 2.74
N PHE A 244 0.42 -5.24 2.22
CA PHE A 244 0.27 -4.74 0.86
C PHE A 244 0.44 -5.88 -0.16
N ALA A 245 -0.36 -5.87 -1.22
CA ALA A 245 -0.19 -6.81 -2.34
C ALA A 245 -0.10 -6.03 -3.65
N ASN A 246 0.51 -6.63 -4.66
CA ASN A 246 0.81 -5.95 -5.92
C ASN A 246 0.51 -6.80 -7.12
N PHE A 247 0.24 -6.11 -8.23
CA PHE A 247 0.38 -6.68 -9.58
C PHE A 247 1.80 -6.43 -10.08
N SER A 248 2.51 -7.49 -10.43
CA SER A 248 3.80 -7.36 -11.09
C SER A 248 3.58 -7.51 -12.59
N VAL A 249 3.97 -6.49 -13.36
CA VAL A 249 3.63 -6.42 -14.78
C VAL A 249 4.83 -6.17 -15.68
N THR A 250 6.03 -5.94 -15.13
CA THR A 250 7.17 -5.62 -15.98
C THR A 250 7.64 -6.85 -16.76
N GLY A 251 7.45 -8.05 -16.22
CA GLY A 251 7.84 -9.28 -16.89
C GLY A 251 6.65 -10.21 -17.03
N GLY A 252 6.71 -11.38 -16.41
CA GLY A 252 5.51 -12.17 -16.26
C GLY A 252 4.48 -11.46 -15.39
N LYS A 253 3.22 -11.82 -15.59
CA LYS A 253 2.12 -11.24 -14.83
C LYS A 253 2.01 -12.01 -13.52
N TRP A 254 2.50 -11.42 -12.43
CA TRP A 254 2.41 -12.06 -11.13
C TRP A 254 1.52 -11.26 -10.19
N ILE A 255 1.08 -11.95 -9.14
CA ILE A 255 0.58 -11.34 -7.91
C ILE A 255 1.67 -11.48 -6.86
N VAL A 256 1.98 -10.39 -6.17
CA VAL A 256 3.03 -10.37 -5.16
C VAL A 256 2.46 -9.97 -3.81
N SER A 257 2.86 -10.65 -2.73
CA SER A 257 2.39 -10.23 -1.41
C SER A 257 3.38 -10.62 -0.33
N GLY A 258 3.30 -9.92 0.79
CA GLY A 258 3.99 -10.33 1.99
C GLY A 258 3.20 -11.41 2.72
N SER A 259 3.70 -11.78 3.89
CA SER A 259 3.14 -12.92 4.59
C SER A 259 3.60 -12.91 6.04
N GLU A 260 2.75 -13.48 6.91
CA GLU A 260 3.10 -13.55 8.32
C GLU A 260 4.02 -14.72 8.65
N ASP A 261 4.40 -15.55 7.67
CA ASP A 261 5.47 -16.53 7.88
C ASP A 261 6.83 -16.01 7.41
N ASN A 262 6.97 -14.69 7.23
CA ASN A 262 8.24 -14.02 6.92
C ASN A 262 8.70 -14.21 5.48
N LEU A 263 7.81 -14.63 4.59
CA LEU A 263 8.17 -14.88 3.20
C LEU A 263 7.45 -13.89 2.30
N VAL A 264 8.06 -13.59 1.15
CA VAL A 264 7.36 -12.93 0.06
C VAL A 264 6.81 -14.01 -0.85
N TYR A 265 5.51 -13.97 -1.14
CA TYR A 265 4.85 -14.92 -2.03
C TYR A 265 4.66 -14.28 -3.39
N ILE A 266 4.95 -15.05 -4.45
CA ILE A 266 4.68 -14.64 -5.82
C ILE A 266 3.85 -15.74 -6.48
N TRP A 267 2.70 -15.36 -7.03
CA TRP A 267 1.79 -16.25 -7.74
C TRP A 267 1.71 -15.89 -9.21
N ASN A 268 1.52 -16.92 -10.03
CA ASN A 268 1.04 -16.73 -11.39
C ASN A 268 -0.40 -16.19 -11.34
N LEU A 269 -0.63 -15.02 -11.95
CA LEU A 269 -1.95 -14.41 -11.87
C LEU A 269 -3.02 -15.31 -12.49
N GLN A 270 -2.74 -15.88 -13.67
CA GLN A 270 -3.75 -16.69 -14.37
C GLN A 270 -3.95 -18.07 -13.75
N THR A 271 -2.86 -18.75 -13.39
CA THR A 271 -3.07 -20.13 -12.94
C THR A 271 -3.25 -20.22 -11.44
N LYS A 272 -2.94 -19.15 -10.70
CA LYS A 272 -3.03 -19.04 -9.26
C LYS A 272 -1.98 -19.88 -8.55
N GLU A 273 -1.05 -20.50 -9.28
CA GLU A 273 -0.03 -21.32 -8.65
C GLU A 273 1.04 -20.43 -8.04
N ILE A 274 1.54 -20.84 -6.87
CA ILE A 274 2.69 -20.18 -6.28
C ILE A 274 3.90 -20.47 -7.15
N VAL A 275 4.56 -19.42 -7.63
CA VAL A 275 5.73 -19.61 -8.47
C VAL A 275 7.01 -19.23 -7.73
N GLN A 276 6.91 -18.51 -6.61
CA GLN A 276 8.13 -18.33 -5.83
C GLN A 276 7.81 -17.91 -4.40
N LYS A 277 8.70 -18.26 -3.48
CA LYS A 277 8.69 -17.78 -2.11
C LYS A 277 10.07 -17.25 -1.79
N LEU A 278 10.16 -15.96 -1.48
CA LEU A 278 11.41 -15.30 -1.19
C LEU A 278 11.64 -15.34 0.31
N GLN A 279 12.72 -15.98 0.70
CA GLN A 279 13.11 -16.20 2.07
C GLN A 279 14.28 -15.28 2.40
N GLY A 280 14.31 -14.81 3.64
CA GLY A 280 15.38 -13.94 4.08
C GLY A 280 14.95 -12.98 5.16
N HIS A 281 13.69 -12.54 5.19
CA HIS A 281 13.26 -11.70 6.30
C HIS A 281 13.10 -12.54 7.58
N THR A 282 13.26 -11.88 8.73
CA THR A 282 13.14 -12.53 10.03
C THR A 282 11.93 -12.00 10.82
N ASP A 283 11.01 -11.31 10.18
CA ASP A 283 9.72 -10.98 10.79
C ASP A 283 8.71 -10.89 9.67
N VAL A 284 7.47 -10.56 10.04
CA VAL A 284 6.36 -10.48 9.11
C VAL A 284 6.73 -9.55 7.98
N VAL A 285 6.48 -9.98 6.74
CA VAL A 285 6.67 -9.13 5.58
C VAL A 285 5.40 -8.30 5.42
N ILE A 286 5.42 -7.09 5.95
CA ILE A 286 4.25 -6.23 5.96
C ILE A 286 4.05 -5.58 4.60
N SER A 287 5.12 -5.35 3.86
CA SER A 287 4.93 -4.54 2.67
C SER A 287 5.80 -5.02 1.52
N THR A 288 5.23 -4.99 0.32
CA THR A 288 5.98 -5.24 -0.91
C THR A 288 5.59 -4.18 -1.94
N ALA A 289 6.53 -3.90 -2.83
CA ALA A 289 6.34 -2.97 -3.94
C ALA A 289 7.06 -3.50 -5.17
N CYS A 290 6.50 -3.24 -6.33
CA CYS A 290 7.06 -3.66 -7.61
C CYS A 290 7.60 -2.45 -8.38
N HIS A 291 8.81 -2.58 -8.90
CA HIS A 291 9.42 -1.46 -9.62
C HIS A 291 8.68 -1.21 -10.93
N PRO A 292 8.51 0.07 -11.34
CA PRO A 292 7.66 0.35 -12.51
C PRO A 292 8.26 -0.04 -13.86
N THR A 293 9.60 -0.18 -14.00
CA THR A 293 10.12 -0.67 -15.27
C THR A 293 11.03 -1.88 -15.19
N GLU A 294 11.68 -2.15 -14.06
CA GLU A 294 12.54 -3.30 -13.92
C GLU A 294 11.83 -4.39 -13.12
N ASN A 295 12.28 -5.64 -13.29
CA ASN A 295 11.78 -6.76 -12.49
C ASN A 295 12.42 -6.73 -11.10
N ILE A 296 11.98 -5.77 -10.29
CA ILE A 296 12.55 -5.54 -8.97
C ILE A 296 11.41 -5.50 -7.96
N ILE A 297 11.58 -6.21 -6.86
CA ILE A 297 10.63 -6.18 -5.75
C ILE A 297 11.35 -5.59 -4.56
N ALA A 298 10.71 -4.66 -3.87
CA ALA A 298 11.14 -4.25 -2.54
C ALA A 298 10.19 -4.86 -1.52
N SER A 299 10.74 -5.35 -0.43
CA SER A 299 9.93 -5.94 0.64
C SER A 299 10.39 -5.39 1.99
N ALA A 300 9.47 -5.33 2.95
CA ALA A 300 9.80 -4.78 4.25
C ALA A 300 9.03 -5.50 5.36
N ALA A 301 9.63 -5.49 6.56
CA ALA A 301 9.30 -6.42 7.64
C ALA A 301 9.25 -5.68 8.98
N LEU A 302 8.65 -6.34 9.99
CA LEU A 302 8.29 -5.70 11.26
C LEU A 302 9.45 -5.74 12.28
N GLU A 303 9.12 -5.60 13.57
CA GLU A 303 10.04 -5.28 14.67
C GLU A 303 11.29 -6.14 14.76
N ASN A 304 11.14 -7.45 14.62
CA ASN A 304 12.34 -8.27 14.79
C ASN A 304 13.29 -8.12 13.60
N ASP A 305 12.87 -7.43 12.53
CA ASP A 305 13.70 -7.33 11.33
C ASP A 305 14.07 -5.89 10.99
N LYS A 306 13.10 -5.02 10.70
CA LYS A 306 13.30 -3.58 10.48
C LYS A 306 14.08 -3.29 9.20
N THR A 307 14.29 -4.26 8.32
CA THR A 307 15.01 -3.98 7.10
C THR A 307 14.09 -4.05 5.88
N ILE A 308 14.59 -3.46 4.80
CA ILE A 308 14.01 -3.52 3.47
C ILE A 308 14.95 -4.37 2.61
N LYS A 309 14.36 -5.23 1.78
CA LYS A 309 15.16 -6.05 0.88
C LYS A 309 14.76 -5.76 -0.55
N LEU A 310 15.75 -5.67 -1.41
CA LEU A 310 15.55 -5.48 -2.83
C LEU A 310 15.94 -6.76 -3.56
N TRP A 311 15.05 -7.25 -4.42
CA TRP A 311 15.16 -8.52 -5.13
C TRP A 311 15.06 -8.25 -6.62
N LYS A 312 15.81 -8.99 -7.42
CA LYS A 312 15.86 -8.80 -8.87
C LYS A 312 15.66 -10.14 -9.57
N SER A 313 14.87 -10.12 -10.65
CA SER A 313 14.55 -11.29 -11.45
C SER A 313 14.86 -11.02 -12.92
N ASP A 314 15.05 -12.10 -13.68
CA ASP A 314 15.20 -11.99 -15.14
C ASP A 314 13.87 -11.96 -15.90
N CYS A 315 12.76 -12.35 -15.26
CA CYS A 315 11.43 -12.23 -15.86
C CYS A 315 10.37 -12.01 -14.80
N GLY B 1 5.66 3.95 17.12
CA GLY B 1 4.56 2.99 17.00
C GLY B 1 3.54 3.36 15.94
N SER B 2 3.23 2.42 15.05
CA SER B 2 2.31 2.63 13.94
C SER B 2 1.25 1.55 14.00
N MET B 3 0.00 1.93 13.70
CA MET B 3 -1.08 0.96 13.71
C MET B 3 -0.85 -0.14 12.68
N ARG B 4 -0.20 0.15 11.56
CA ARG B 4 0.01 -0.93 10.60
C ARG B 4 0.96 -1.97 11.15
N THR B 5 1.88 -1.59 12.01
CA THR B 5 2.92 -2.50 12.48
C THR B 5 2.56 -3.24 13.76
N GLU B 6 1.31 -3.07 14.28
CA GLU B 6 0.74 -3.71 15.41
C GLU B 6 -0.31 -4.73 14.96
N PRO B 7 -0.41 -5.91 15.62
CA PRO B 7 -1.40 -6.93 15.18
C PRO B 7 -2.82 -6.48 15.51
N ARG B 8 -3.73 -6.94 14.69
CA ARG B 8 -5.17 -6.58 14.85
C ARG B 8 -5.79 -7.27 16.08
#